data_4YXY
#
_entry.id   4YXY
#
_cell.length_a   102.787
_cell.length_b   102.787
_cell.length_c   93.930
_cell.angle_alpha   90.000
_cell.angle_beta   90.000
_cell.angle_gamma   90.000
#
_symmetry.space_group_name_H-M   'P 43 21 2'
#
_entity_poly.entity_id   1
_entity_poly.type   'polypeptide(L)'
_entity_poly.pdbx_seq_one_letter_code
;MASSHHHHHHSSGLVPRGSSMASGISVEELLKLAKAAYYSGTTVEEAYKLALKLGISVEELLKLAEAAYYSGTTVEEAYK
LALKLGISVEELLKLAKAAYYSGTTVEEAYKLALKLG
;
_entity_poly.pdbx_strand_id   A,B,C,D
#
# COMPACT_ATOMS: atom_id res chain seq x y z
N VAL A 27 6.65 -11.35 20.06
CA VAL A 27 5.34 -10.91 19.59
C VAL A 27 5.29 -10.90 18.06
N GLU A 28 6.47 -10.81 17.43
CA GLU A 28 6.56 -10.78 15.97
C GLU A 28 6.19 -12.14 15.38
N GLU A 29 6.90 -13.17 15.83
CA GLU A 29 6.62 -14.55 15.43
C GLU A 29 5.14 -14.91 15.63
N LEU A 30 4.56 -14.37 16.71
CA LEU A 30 3.17 -14.59 17.03
C LEU A 30 2.27 -13.94 15.98
N LEU A 31 2.72 -12.80 15.45
CA LEU A 31 1.96 -12.06 14.45
C LEU A 31 2.02 -12.80 13.12
N LYS A 32 3.20 -13.28 12.78
CA LYS A 32 3.37 -14.16 11.62
C LYS A 32 2.43 -15.36 11.72
N LEU A 33 2.37 -15.94 12.91
CA LEU A 33 1.49 -17.08 13.17
C LEU A 33 0.02 -16.70 13.02
N ALA A 34 -0.29 -15.44 13.32
CA ALA A 34 -1.67 -14.98 13.25
C ALA A 34 -2.07 -14.74 11.80
N LYS A 35 -1.12 -14.25 11.00
CA LYS A 35 -1.33 -14.10 9.58
C LYS A 35 -1.52 -15.46 8.91
N ALA A 36 -0.62 -16.39 9.21
CA ALA A 36 -0.73 -17.75 8.69
C ALA A 36 -2.03 -18.42 9.11
N ALA A 37 -2.46 -18.16 10.34
CA ALA A 37 -3.71 -18.75 10.85
C ALA A 37 -4.93 -18.12 10.19
N TYR A 38 -4.81 -16.84 9.84
CA TYR A 38 -5.85 -16.15 9.10
C TYR A 38 -5.97 -16.74 7.69
N TYR A 39 -4.84 -16.82 7.01
CA TYR A 39 -4.76 -17.39 5.66
C TYR A 39 -5.32 -18.81 5.59
N SER A 40 -4.88 -19.67 6.51
CA SER A 40 -5.26 -21.07 6.47
C SER A 40 -6.64 -21.33 7.10
N GLY A 41 -7.23 -20.28 7.65
CA GLY A 41 -8.58 -20.37 8.21
C GLY A 41 -8.65 -21.16 9.50
N THR A 42 -7.49 -21.47 10.07
CA THR A 42 -7.41 -22.22 11.32
C THR A 42 -7.12 -21.28 12.48
N THR A 43 -6.69 -21.84 13.60
CA THR A 43 -6.31 -21.04 14.76
C THR A 43 -4.79 -20.92 14.83
N VAL A 44 -4.32 -20.17 15.83
CA VAL A 44 -2.90 -19.85 15.92
C VAL A 44 -2.12 -20.98 16.58
N GLU A 45 -2.76 -21.65 17.52
CA GLU A 45 -2.13 -22.75 18.24
C GLU A 45 -1.99 -23.91 17.29
N GLU A 46 -3.06 -24.15 16.54
CA GLU A 46 -3.07 -25.15 15.48
C GLU A 46 -1.96 -24.87 14.48
N ALA A 47 -1.78 -23.59 14.14
CA ALA A 47 -0.70 -23.18 13.24
C ALA A 47 0.68 -23.50 13.81
N TYR A 48 0.87 -23.28 15.11
CA TYR A 48 2.16 -23.57 15.73
C TYR A 48 2.43 -25.06 15.75
N LYS A 49 1.41 -25.85 16.09
CA LYS A 49 1.54 -27.29 16.15
C LYS A 49 1.79 -27.84 14.76
N LEU A 50 1.22 -27.17 13.77
CA LEU A 50 1.44 -27.50 12.36
C LEU A 50 2.88 -27.19 11.99
N ALA A 51 3.42 -26.14 12.59
CA ALA A 51 4.81 -25.75 12.33
C ALA A 51 5.77 -26.73 12.98
N LEU A 52 5.33 -27.35 14.06
CA LEU A 52 6.11 -28.41 14.71
C LEU A 52 6.05 -29.70 13.90
N LYS A 53 4.84 -30.15 13.59
CA LYS A 53 4.62 -31.33 12.75
C LYS A 53 5.52 -31.38 11.53
N LEU A 54 5.62 -30.25 10.82
CA LEU A 54 6.42 -30.18 9.60
C LEU A 54 7.85 -29.73 9.88
N GLY A 55 8.15 -29.49 11.15
CA GLY A 55 9.47 -29.05 11.58
C GLY A 55 10.00 -27.84 10.83
N ILE A 56 9.16 -26.81 10.68
CA ILE A 56 9.53 -25.61 9.94
C ILE A 56 9.39 -24.34 10.77
N SER A 57 9.94 -23.22 10.29
CA SER A 57 9.80 -21.94 10.99
C SER A 57 8.49 -21.28 10.63
N VAL A 58 8.14 -20.26 11.40
CA VAL A 58 6.89 -19.55 11.21
C VAL A 58 6.86 -18.76 9.89
N GLU A 59 8.05 -18.34 9.44
CA GLU A 59 8.17 -17.65 8.17
C GLU A 59 7.84 -18.59 7.02
N GLU A 60 8.46 -19.76 7.05
CA GLU A 60 8.19 -20.82 6.09
C GLU A 60 6.73 -21.23 6.13
N LEU A 61 6.18 -21.29 7.34
CA LEU A 61 4.76 -21.62 7.53
C LEU A 61 3.85 -20.60 6.85
N LEU A 62 4.16 -19.33 7.02
CA LEU A 62 3.37 -18.25 6.42
C LEU A 62 3.48 -18.27 4.90
N LYS A 63 4.70 -18.47 4.40
CA LYS A 63 4.93 -18.60 2.98
C LYS A 63 4.12 -19.75 2.40
N LEU A 64 4.18 -20.90 3.06
CA LEU A 64 3.41 -22.07 2.64
C LEU A 64 1.90 -21.82 2.73
N ALA A 65 1.52 -20.89 3.61
CA ALA A 65 0.11 -20.53 3.77
C ALA A 65 -0.36 -19.75 2.55
N GLU A 66 0.36 -18.67 2.26
CA GLU A 66 0.10 -17.86 1.07
C GLU A 66 0.08 -18.74 -0.19
N ALA A 67 1.14 -19.51 -0.37
CA ALA A 67 1.23 -20.49 -1.46
C ALA A 67 -0.01 -21.36 -1.54
N ALA A 68 -0.41 -21.91 -0.39
CA ALA A 68 -1.58 -22.78 -0.32
C ALA A 68 -2.86 -22.05 -0.70
N TYR A 69 -2.90 -20.75 -0.45
CA TYR A 69 -4.07 -19.95 -0.78
C TYR A 69 -4.14 -19.67 -2.28
N TYR A 70 -3.02 -19.23 -2.84
CA TYR A 70 -2.94 -18.96 -4.28
C TYR A 70 -3.13 -20.22 -5.11
N SER A 71 -2.74 -21.36 -4.55
CA SER A 71 -2.82 -22.64 -5.26
C SER A 71 -4.11 -23.38 -4.94
N GLY A 72 -4.68 -23.12 -3.78
CA GLY A 72 -5.93 -23.74 -3.39
C GLY A 72 -5.73 -25.07 -2.68
N THR A 73 -4.59 -25.23 -2.02
CA THR A 73 -4.30 -26.45 -1.27
C THR A 73 -4.09 -26.16 0.21
N THR A 74 -3.75 -27.18 0.98
CA THR A 74 -3.44 -27.00 2.39
C THR A 74 -1.98 -26.61 2.54
N VAL A 75 -1.57 -26.30 3.77
CA VAL A 75 -0.19 -25.94 4.04
C VAL A 75 0.67 -27.19 3.93
N GLU A 76 0.15 -28.31 4.42
CA GLU A 76 0.88 -29.57 4.40
C GLU A 76 1.03 -30.08 2.98
N GLU A 77 -0.07 -30.07 2.23
CA GLU A 77 -0.04 -30.38 0.80
C GLU A 77 0.99 -29.52 0.07
N ALA A 78 1.00 -28.24 0.39
CA ALA A 78 1.97 -27.29 -0.16
C ALA A 78 3.39 -27.76 0.13
N TYR A 79 3.64 -28.14 1.37
CA TYR A 79 4.97 -28.59 1.79
C TYR A 79 5.41 -29.89 1.10
N LYS A 80 4.45 -30.78 0.91
CA LYS A 80 4.70 -32.06 0.25
C LYS A 80 5.03 -31.82 -1.21
N LEU A 81 4.29 -30.92 -1.83
CA LEU A 81 4.58 -30.49 -3.19
C LEU A 81 5.93 -29.78 -3.27
N ALA A 82 6.32 -29.15 -2.17
CA ALA A 82 7.58 -28.42 -2.09
C ALA A 82 8.77 -29.36 -1.97
N LEU A 83 8.53 -30.55 -1.43
CA LEU A 83 9.60 -31.54 -1.30
C LEU A 83 9.65 -32.42 -2.54
N LYS A 84 8.48 -32.84 -3.00
CA LYS A 84 8.31 -33.53 -4.29
C LYS A 84 9.18 -32.96 -5.40
N LEU A 85 9.12 -31.64 -5.58
CA LEU A 85 9.87 -30.99 -6.64
C LEU A 85 11.27 -30.57 -6.18
N GLY A 86 11.56 -30.80 -4.90
CA GLY A 86 12.89 -30.54 -4.37
C GLY A 86 13.28 -29.07 -4.48
N ILE A 87 12.38 -28.20 -4.03
CA ILE A 87 12.61 -26.77 -4.13
C ILE A 87 12.40 -26.08 -2.79
N SER A 88 12.66 -24.78 -2.75
CA SER A 88 12.47 -24.00 -1.55
C SER A 88 11.02 -23.53 -1.43
N VAL A 89 10.71 -22.89 -0.31
CA VAL A 89 9.36 -22.41 -0.07
C VAL A 89 9.06 -21.16 -0.91
N GLU A 90 10.09 -20.36 -1.13
CA GLU A 90 9.97 -19.13 -1.91
C GLU A 90 9.64 -19.45 -3.36
N GLU A 91 10.44 -20.33 -3.97
CA GLU A 91 10.21 -20.79 -5.33
C GLU A 91 8.81 -21.37 -5.49
N LEU A 92 8.34 -22.06 -4.46
CA LEU A 92 7.03 -22.68 -4.48
C LEU A 92 5.95 -21.60 -4.44
N LEU A 93 6.20 -20.57 -3.65
CA LEU A 93 5.27 -19.45 -3.55
C LEU A 93 5.14 -18.75 -4.89
N LYS A 94 6.28 -18.42 -5.49
CA LYS A 94 6.33 -17.84 -6.84
C LYS A 94 5.58 -18.72 -7.85
N LEU A 95 5.71 -20.04 -7.71
CA LEU A 95 5.05 -20.96 -8.62
C LEU A 95 3.55 -20.98 -8.39
N ALA A 96 3.13 -20.74 -7.15
CA ALA A 96 1.72 -20.74 -6.80
C ALA A 96 1.06 -19.46 -7.32
N LYS A 97 1.79 -18.35 -7.22
CA LYS A 97 1.33 -17.08 -7.79
C LYS A 97 1.21 -17.19 -9.31
N ALA A 98 2.30 -17.61 -9.95
CA ALA A 98 2.32 -17.85 -11.39
C ALA A 98 1.17 -18.74 -11.85
N ALA A 99 0.94 -19.83 -11.10
CA ALA A 99 -0.12 -20.77 -11.42
C ALA A 99 -1.50 -20.13 -11.22
N TYR A 100 -1.59 -19.22 -10.25
CA TYR A 100 -2.86 -18.56 -9.97
C TYR A 100 -3.21 -17.59 -11.09
N TYR A 101 -2.21 -16.84 -11.55
CA TYR A 101 -2.38 -15.94 -12.70
C TYR A 101 -2.69 -16.69 -13.99
N SER A 102 -1.85 -17.65 -14.34
CA SER A 102 -1.94 -18.32 -15.63
C SER A 102 -3.16 -19.24 -15.72
N GLY A 103 -3.69 -19.64 -14.57
CA GLY A 103 -4.88 -20.47 -14.53
C GLY A 103 -4.54 -21.94 -14.63
N THR A 104 -3.43 -22.32 -14.00
CA THR A 104 -2.95 -23.70 -14.01
C THR A 104 -2.62 -24.18 -12.60
N THR A 105 -2.18 -25.43 -12.48
CA THR A 105 -1.74 -25.94 -11.19
C THR A 105 -0.28 -25.57 -10.99
N VAL A 106 0.23 -25.81 -9.79
CA VAL A 106 1.62 -25.48 -9.48
C VAL A 106 2.58 -26.39 -10.25
N GLU A 107 2.12 -27.62 -10.51
CA GLU A 107 2.94 -28.61 -11.19
C GLU A 107 3.09 -28.28 -12.67
N GLU A 108 1.99 -27.98 -13.34
CA GLU A 108 2.01 -27.49 -14.71
C GLU A 108 2.88 -26.25 -14.84
N ALA A 109 2.89 -25.42 -13.81
CA ALA A 109 3.71 -24.22 -13.78
C ALA A 109 5.19 -24.57 -13.67
N TYR A 110 5.49 -25.64 -12.93
CA TYR A 110 6.86 -26.15 -12.81
C TYR A 110 7.34 -26.70 -14.15
N LYS A 111 6.47 -27.50 -14.76
CA LYS A 111 6.76 -28.11 -16.05
C LYS A 111 6.97 -27.02 -17.08
N LEU A 112 6.18 -25.95 -16.98
CA LEU A 112 6.35 -24.77 -17.83
C LEU A 112 7.65 -24.02 -17.50
N ALA A 113 8.06 -24.08 -16.24
CA ALA A 113 9.30 -23.44 -15.80
C ALA A 113 10.51 -24.15 -16.40
N LEU A 114 10.37 -25.45 -16.65
CA LEU A 114 11.45 -26.23 -17.24
C LEU A 114 11.40 -26.19 -18.77
N LYS A 115 10.18 -26.25 -19.30
CA LYS A 115 9.92 -26.22 -20.73
C LYS A 115 10.51 -25.01 -21.43
N LEU A 116 10.50 -23.86 -20.76
CA LEU A 116 11.02 -22.63 -21.33
C LEU A 116 12.47 -22.40 -20.93
N GLY A 117 12.98 -23.27 -20.07
CA GLY A 117 14.37 -23.23 -19.66
C GLY A 117 14.68 -22.04 -18.77
N VAL B 27 7.42 13.75 -18.90
CA VAL B 27 6.26 12.86 -18.72
C VAL B 27 5.89 12.72 -17.25
N GLU B 28 6.85 12.97 -16.38
CA GLU B 28 6.64 12.85 -14.94
C GLU B 28 5.72 13.96 -14.45
N GLU B 29 6.12 15.20 -14.72
CA GLU B 29 5.32 16.39 -14.40
C GLU B 29 3.90 16.29 -14.94
N LEU B 30 3.74 15.67 -16.10
CA LEU B 30 2.42 15.48 -16.69
C LEU B 30 1.59 14.52 -15.84
N LEU B 31 2.25 13.53 -15.27
CA LEU B 31 1.59 12.53 -14.46
C LEU B 31 1.17 13.16 -13.14
N LYS B 32 2.08 13.94 -12.56
CA LYS B 32 1.78 14.75 -11.38
C LYS B 32 0.55 15.62 -11.64
N LEU B 33 0.51 16.22 -12.82
CA LEU B 33 -0.60 17.06 -13.22
C LEU B 33 -1.90 16.26 -13.36
N ALA B 34 -1.77 14.99 -13.73
CA ALA B 34 -2.94 14.14 -13.93
C ALA B 34 -3.51 13.68 -12.60
N LYS B 35 -2.61 13.41 -11.65
CA LYS B 35 -3.01 13.10 -10.28
C LYS B 35 -3.70 14.31 -9.66
N ALA B 36 -3.07 15.47 -9.82
CA ALA B 36 -3.65 16.73 -9.35
C ALA B 36 -5.02 16.96 -9.99
N ALA B 37 -5.15 16.54 -11.24
CA ALA B 37 -6.41 16.69 -11.97
C ALA B 37 -7.46 15.73 -11.41
N TYR B 38 -6.99 14.58 -10.92
CA TYR B 38 -7.87 13.63 -10.24
C TYR B 38 -8.39 14.25 -8.95
N TYR B 39 -7.46 14.74 -8.13
CA TYR B 39 -7.79 15.39 -6.86
C TYR B 39 -8.76 16.57 -7.03
N SER B 40 -8.43 17.49 -7.92
CA SER B 40 -9.22 18.71 -8.09
C SER B 40 -10.41 18.54 -9.02
N GLY B 41 -10.54 17.35 -9.62
CA GLY B 41 -11.67 17.03 -10.45
C GLY B 41 -11.74 17.76 -11.78
N THR B 42 -10.65 18.44 -12.14
CA THR B 42 -10.59 19.17 -13.41
C THR B 42 -9.80 18.41 -14.46
N THR B 43 -9.40 19.13 -15.51
CA THR B 43 -8.55 18.58 -16.55
C THR B 43 -7.12 19.05 -16.33
N VAL B 44 -6.21 18.61 -17.20
CA VAL B 44 -4.79 18.84 -16.99
C VAL B 44 -4.37 20.24 -17.42
N GLU B 45 -5.02 20.77 -18.44
CA GLU B 45 -4.69 22.08 -18.98
C GLU B 45 -5.10 23.18 -18.00
N GLU B 46 -6.29 23.05 -17.44
CA GLU B 46 -6.77 23.95 -16.40
C GLU B 46 -5.78 23.96 -15.24
N ALA B 47 -5.32 22.77 -14.86
CA ALA B 47 -4.32 22.63 -13.80
C ALA B 47 -3.01 23.34 -14.13
N TYR B 48 -2.59 23.25 -15.38
CA TYR B 48 -1.34 23.89 -15.81
C TYR B 48 -1.45 25.42 -15.79
N LYS B 49 -2.56 25.93 -16.31
CA LYS B 49 -2.78 27.37 -16.36
C LYS B 49 -2.94 27.91 -14.94
N LEU B 50 -3.53 27.09 -14.08
CA LEU B 50 -3.66 27.42 -12.66
C LEU B 50 -2.28 27.42 -12.00
N ALA B 51 -1.40 26.55 -12.48
CA ALA B 51 -0.05 26.48 -11.95
C ALA B 51 0.76 27.69 -12.37
N LEU B 52 0.42 28.27 -13.52
CA LEU B 52 1.05 29.51 -13.94
C LEU B 52 0.49 30.70 -13.15
N LYS B 53 -0.84 30.80 -13.12
CA LYS B 53 -1.55 31.82 -12.34
C LYS B 53 -0.99 32.03 -10.93
N LEU B 54 -0.73 30.93 -10.22
CA LEU B 54 -0.25 31.01 -8.85
C LEU B 54 1.27 30.98 -8.78
N GLY B 55 1.91 30.92 -9.95
CA GLY B 55 3.36 30.92 -10.06
C GLY B 55 4.02 29.85 -9.21
N ILE B 56 3.50 28.63 -9.27
CA ILE B 56 4.02 27.53 -8.46
C ILE B 56 4.42 26.34 -9.32
N SER B 57 5.13 25.40 -8.71
CA SER B 57 5.53 24.17 -9.38
C SER B 57 4.42 23.14 -9.31
N VAL B 58 4.54 22.08 -10.12
CA VAL B 58 3.51 21.05 -10.18
C VAL B 58 3.43 20.25 -8.88
N GLU B 59 4.55 20.17 -8.17
CA GLU B 59 4.59 19.50 -6.88
C GLU B 59 3.77 20.28 -5.86
N GLU B 60 4.02 21.57 -5.77
CA GLU B 60 3.26 22.47 -4.90
C GLU B 60 1.79 22.46 -5.26
N LEU B 61 1.51 22.42 -6.56
CA LEU B 61 0.14 22.37 -7.06
C LEU B 61 -0.55 21.08 -6.60
N LEU B 62 0.19 19.97 -6.63
CA LEU B 62 -0.35 18.68 -6.26
C LEU B 62 -0.62 18.61 -4.76
N LYS B 63 0.35 19.10 -3.97
CA LYS B 63 0.17 19.26 -2.54
C LYS B 63 -1.09 20.08 -2.21
N LEU B 64 -1.21 21.23 -2.86
CA LEU B 64 -2.37 22.10 -2.66
C LEU B 64 -3.66 21.43 -3.12
N ALA B 65 -3.55 20.49 -4.04
CA ALA B 65 -4.70 19.74 -4.54
C ALA B 65 -5.16 18.77 -3.45
N GLU B 66 -4.24 17.96 -2.96
CA GLU B 66 -4.51 17.04 -1.86
C GLU B 66 -5.14 17.79 -0.68
N ALA B 67 -4.46 18.85 -0.23
CA ALA B 67 -4.97 19.73 0.81
C ALA B 67 -6.40 20.19 0.55
N ALA B 68 -6.64 20.69 -0.67
CA ALA B 68 -7.95 21.18 -1.05
C ALA B 68 -9.00 20.06 -0.99
N TYR B 69 -8.56 18.84 -1.21
CA TYR B 69 -9.46 17.69 -1.16
C TYR B 69 -9.79 17.34 0.29
N TYR B 70 -8.77 17.27 1.14
CA TYR B 70 -8.95 16.97 2.55
C TYR B 70 -9.75 18.04 3.29
N SER B 71 -9.67 19.28 2.83
CA SER B 71 -10.33 20.39 3.51
C SER B 71 -11.71 20.70 2.91
N GLY B 72 -11.89 20.39 1.64
CA GLY B 72 -13.17 20.59 0.98
C GLY B 72 -13.31 21.98 0.36
N THR B 73 -12.18 22.58 0.01
CA THR B 73 -12.18 23.89 -0.65
C THR B 73 -11.50 23.78 -2.01
N THR B 74 -11.36 24.92 -2.69
CA THR B 74 -10.67 24.95 -3.97
C THR B 74 -9.17 25.04 -3.78
N VAL B 75 -8.42 24.93 -4.88
CA VAL B 75 -6.96 25.02 -4.83
C VAL B 75 -6.52 26.45 -4.60
N GLU B 76 -7.23 27.38 -5.24
CA GLU B 76 -6.90 28.80 -5.13
C GLU B 76 -7.20 29.29 -3.72
N GLU B 77 -8.38 28.92 -3.21
CA GLU B 77 -8.74 29.17 -1.82
C GLU B 77 -7.67 28.64 -0.87
N ALA B 78 -7.21 27.42 -1.15
CA ALA B 78 -6.14 26.79 -0.36
C ALA B 78 -4.86 27.61 -0.35
N TYR B 79 -4.40 28.04 -1.52
CA TYR B 79 -3.15 28.81 -1.62
C TYR B 79 -3.30 30.17 -0.93
N LYS B 80 -4.49 30.74 -1.06
CA LYS B 80 -4.78 32.04 -0.46
C LYS B 80 -4.76 31.92 1.06
N LEU B 81 -5.33 30.83 1.57
CA LEU B 81 -5.25 30.52 2.98
C LEU B 81 -3.81 30.23 3.40
N ALA B 82 -3.00 29.76 2.45
CA ALA B 82 -1.60 29.44 2.71
C ALA B 82 -0.76 30.71 2.83
N LEU B 83 -1.24 31.78 2.21
CA LEU B 83 -0.54 33.06 2.30
C LEU B 83 -1.07 33.85 3.49
N LYS B 84 -2.40 33.86 3.63
CA LYS B 84 -3.10 34.38 4.80
C LYS B 84 -2.45 34.02 6.14
N LEU B 85 -2.16 32.74 6.31
CA LEU B 85 -1.57 32.25 7.56
C LEU B 85 -0.05 32.27 7.50
N GLY B 86 0.49 32.66 6.34
CA GLY B 86 1.92 32.81 6.16
C GLY B 86 2.70 31.53 6.34
N ILE B 87 2.26 30.48 5.67
CA ILE B 87 2.89 29.16 5.79
C ILE B 87 3.25 28.58 4.43
N SER B 88 3.92 27.44 4.45
CA SER B 88 4.27 26.73 3.21
C SER B 88 3.11 25.83 2.79
N VAL B 89 3.25 25.19 1.64
CA VAL B 89 2.21 24.32 1.13
C VAL B 89 2.17 23.02 1.92
N GLU B 90 3.33 22.56 2.37
CA GLU B 90 3.45 21.33 3.15
C GLU B 90 2.77 21.47 4.51
N GLU B 91 3.13 22.52 5.25
CA GLU B 91 2.51 22.83 6.53
C GLU B 91 1.01 22.98 6.41
N LEU B 92 0.57 23.53 5.29
CA LEU B 92 -0.85 23.74 5.03
C LEU B 92 -1.53 22.38 4.82
N LEU B 93 -0.82 21.48 4.13
CA LEU B 93 -1.33 20.13 3.90
C LEU B 93 -1.49 19.37 5.21
N LYS B 94 -0.42 19.37 6.02
CA LYS B 94 -0.46 18.77 7.35
C LYS B 94 -1.60 19.35 8.19
N LEU B 95 -1.82 20.65 8.05
CA LEU B 95 -2.85 21.33 8.81
C LEU B 95 -4.22 20.91 8.31
N ALA B 96 -4.31 20.58 7.03
CA ALA B 96 -5.56 20.16 6.42
C ALA B 96 -5.92 18.74 6.84
N LYS B 97 -4.92 17.87 6.93
CA LYS B 97 -5.14 16.52 7.44
C LYS B 97 -5.55 16.56 8.91
N ALA B 98 -4.75 17.24 9.72
CA ALA B 98 -5.04 17.44 11.13
C ALA B 98 -6.46 17.97 11.34
N ALA B 99 -6.84 18.95 10.54
CA ALA B 99 -8.18 19.54 10.61
C ALA B 99 -9.23 18.54 10.15
N TYR B 100 -8.84 17.67 9.22
CA TYR B 100 -9.77 16.69 8.65
C TYR B 100 -10.15 15.63 9.69
N TYR B 101 -9.16 15.15 10.45
CA TYR B 101 -9.45 14.22 11.54
C TYR B 101 -10.35 14.83 12.62
N SER B 102 -9.94 15.97 13.16
CA SER B 102 -10.63 16.56 14.31
C SER B 102 -12.01 17.10 13.94
N GLY B 103 -12.23 17.36 12.65
CA GLY B 103 -13.53 17.81 12.18
C GLY B 103 -13.70 19.32 12.21
N THR B 104 -12.63 20.04 11.93
CA THR B 104 -12.65 21.50 11.92
C THR B 104 -12.05 22.03 10.62
N THR B 105 -12.00 23.34 10.47
CA THR B 105 -11.35 23.96 9.33
C THR B 105 -9.85 24.10 9.57
N VAL B 106 -9.13 24.50 8.54
CA VAL B 106 -7.67 24.65 8.63
C VAL B 106 -7.27 25.80 9.55
N GLU B 107 -8.13 26.81 9.64
CA GLU B 107 -7.84 27.99 10.45
C GLU B 107 -7.92 27.65 11.94
N GLU B 108 -9.00 26.98 12.33
CA GLU B 108 -9.18 26.47 13.67
C GLU B 108 -8.00 25.59 14.07
N ALA B 109 -7.50 24.84 13.08
CA ALA B 109 -6.37 23.96 13.27
C ALA B 109 -5.08 24.75 13.45
N TYR B 110 -4.96 25.88 12.79
CA TYR B 110 -3.80 26.77 12.95
C TYR B 110 -3.78 27.40 14.33
N LYS B 111 -4.94 27.93 14.73
CA LYS B 111 -5.10 28.57 16.03
C LYS B 111 -4.83 27.56 17.14
N LEU B 112 -5.32 26.35 16.94
CA LEU B 112 -5.07 25.26 17.89
C LEU B 112 -3.60 24.84 17.86
N ALA B 113 -2.96 24.96 16.71
CA ALA B 113 -1.55 24.61 16.55
C ALA B 113 -0.68 25.59 17.32
N LEU B 114 -1.15 26.82 17.47
CA LEU B 114 -0.38 27.81 18.21
C LEU B 114 -0.73 27.75 19.70
N LYS B 115 -2.01 27.52 19.98
CA LYS B 115 -2.51 27.44 21.36
C LYS B 115 -1.79 26.42 22.24
N LEU B 116 -1.40 25.29 21.66
CA LEU B 116 -0.73 24.24 22.42
C LEU B 116 0.79 24.34 22.31
N GLY B 117 1.25 25.28 21.48
CA GLY B 117 2.67 25.54 21.34
C GLY B 117 3.40 24.42 20.63
N VAL C 27 3.52 20.91 13.70
CA VAL C 27 2.27 20.57 13.04
C VAL C 27 2.12 19.06 12.89
N GLU C 28 3.25 18.36 12.90
CA GLU C 28 3.26 16.91 12.76
C GLU C 28 2.67 16.24 14.01
N GLU C 29 3.25 16.57 15.16
CA GLU C 29 2.77 16.10 16.45
C GLU C 29 1.28 16.38 16.61
N LEU C 30 0.83 17.51 16.06
CA LEU C 30 -0.58 17.88 16.12
C LEU C 30 -1.44 16.92 15.30
N LEU C 31 -0.89 16.47 14.18
CA LEU C 31 -1.61 15.56 13.29
C LEU C 31 -1.68 14.19 13.94
N LYS C 32 -0.56 13.76 14.51
CA LYS C 32 -0.52 12.55 15.33
C LYS C 32 -1.56 12.59 16.43
N LEU C 33 -1.65 13.73 17.12
CA LEU C 33 -2.61 13.92 18.19
C LEU C 33 -4.05 13.88 17.67
N ALA C 34 -4.23 14.29 16.43
CA ALA C 34 -5.55 14.32 15.82
C ALA C 34 -5.97 12.91 15.45
N LYS C 35 -4.99 12.12 15.00
CA LYS C 35 -5.21 10.71 14.72
C LYS C 35 -5.57 9.96 15.99
N ALA C 36 -4.79 10.16 17.05
CA ALA C 36 -5.06 9.56 18.35
C ALA C 36 -6.43 9.96 18.88
N ALA C 37 -6.81 11.22 18.65
CA ALA C 37 -8.11 11.72 19.10
C ALA C 37 -9.22 11.08 18.28
N TYR C 38 -8.91 10.77 17.02
CA TYR C 38 -9.85 10.05 16.17
C TYR C 38 -10.07 8.64 16.72
N TYR C 39 -8.98 7.93 16.96
CA TYR C 39 -9.04 6.58 17.52
C TYR C 39 -9.81 6.52 18.85
N SER C 40 -9.46 7.39 19.78
CA SER C 40 -10.04 7.33 21.12
C SER C 40 -11.39 8.02 21.21
N GLY C 41 -11.81 8.64 20.11
CA GLY C 41 -13.12 9.27 20.04
C GLY C 41 -13.23 10.54 20.88
N THR C 42 -12.09 11.02 21.36
CA THR C 42 -12.06 12.23 22.17
C THR C 42 -11.59 13.43 21.33
N THR C 43 -11.19 14.50 22.00
CA THR C 43 -10.67 15.67 21.31
C THR C 43 -9.14 15.71 21.38
N VAL C 44 -8.56 16.74 20.78
CA VAL C 44 -7.11 16.82 20.64
C VAL C 44 -6.48 17.33 21.93
N GLU C 45 -7.19 18.20 22.63
CA GLU C 45 -6.69 18.77 23.87
C GLU C 45 -6.65 17.71 24.96
N GLU C 46 -7.72 16.92 25.04
CA GLU C 46 -7.78 15.79 25.95
C GLU C 46 -6.65 14.80 25.69
N ALA C 47 -6.40 14.50 24.42
CA ALA C 47 -5.30 13.63 24.02
C ALA C 47 -3.96 14.21 24.46
N TYR C 48 -3.82 15.52 24.32
CA TYR C 48 -2.59 16.20 24.68
C TYR C 48 -2.33 16.13 26.19
N LYS C 49 -3.37 16.36 26.97
CA LYS C 49 -3.25 16.30 28.42
C LYS C 49 -3.03 14.86 28.89
N LEU C 50 -3.63 13.91 28.18
CA LEU C 50 -3.47 12.50 28.46
C LEU C 50 -2.05 12.02 28.17
N ALA C 51 -1.42 12.60 27.16
CA ALA C 51 -0.05 12.24 26.80
C ALA C 51 0.93 12.77 27.83
N LEU C 52 0.58 13.88 28.46
CA LEU C 52 1.38 14.45 29.55
C LEU C 52 1.21 13.66 30.84
N LYS C 53 -0.06 13.43 31.21
CA LYS C 53 -0.42 12.60 32.36
C LYS C 53 0.40 11.32 32.47
N LEU C 54 0.57 10.63 31.34
CA LEU C 54 1.30 9.37 31.30
C LEU C 54 2.78 9.61 31.01
N GLY C 55 3.16 10.88 30.88
CA GLY C 55 4.54 11.27 30.60
C GLY C 55 5.16 10.59 29.40
N ILE C 56 4.41 10.59 28.30
CA ILE C 56 4.86 9.92 27.08
C ILE C 56 4.87 10.87 25.89
N SER C 57 5.49 10.43 24.80
CA SER C 57 5.52 11.21 23.57
C SER C 57 4.26 10.95 22.75
N VAL C 58 4.02 11.79 21.75
CA VAL C 58 2.80 11.69 20.94
C VAL C 58 2.79 10.44 20.07
N GLU C 59 3.98 9.96 19.72
CA GLU C 59 4.11 8.74 18.92
C GLU C 59 3.61 7.53 19.71
N GLU C 60 4.13 7.41 20.93
CA GLU C 60 3.71 6.35 21.84
C GLU C 60 2.21 6.44 22.12
N LEU C 61 1.70 7.66 22.25
CA LEU C 61 0.27 7.88 22.46
C LEU C 61 -0.54 7.38 21.27
N LEU C 62 -0.03 7.61 20.06
CA LEU C 62 -0.73 7.21 18.84
C LEU C 62 -0.73 5.69 18.71
N LYS C 63 0.42 5.07 18.95
CA LYS C 63 0.53 3.62 19.03
C LYS C 63 -0.48 3.06 20.02
N LEU C 64 -0.53 3.63 21.22
CA LEU C 64 -1.47 3.21 22.25
C LEU C 64 -2.92 3.44 21.82
N ALA C 65 -3.13 4.40 20.92
CA ALA C 65 -4.46 4.70 20.40
C ALA C 65 -4.90 3.58 19.46
N GLU C 66 -4.06 3.30 18.47
CA GLU C 66 -4.28 2.19 17.55
C GLU C 66 -4.55 0.89 18.31
N ALA C 67 -3.63 0.55 19.20
CA ALA C 67 -3.77 -0.61 20.08
C ALA C 67 -5.11 -0.66 20.83
N ALA C 68 -5.44 0.43 21.51
CA ALA C 68 -6.67 0.52 22.30
C ALA C 68 -7.91 0.38 21.43
N TYR C 69 -7.80 0.82 20.17
CA TYR C 69 -8.91 0.76 19.25
C TYR C 69 -9.11 -0.67 18.75
N TYR C 70 -8.01 -1.30 18.34
CA TYR C 70 -8.03 -2.68 17.87
C TYR C 70 -8.45 -3.66 18.98
N SER C 71 -8.17 -3.30 20.22
CA SER C 71 -8.47 -4.19 21.34
C SER C 71 -9.84 -3.90 21.96
N GLY C 72 -10.30 -2.66 21.80
CA GLY C 72 -11.61 -2.27 22.31
C GLY C 72 -11.61 -1.78 23.74
N THR C 73 -10.48 -1.25 24.19
CA THR C 73 -10.36 -0.68 25.52
C THR C 73 -9.94 0.78 25.44
N THR C 74 -9.72 1.40 26.60
CA THR C 74 -9.26 2.79 26.64
C THR C 74 -7.75 2.87 26.49
N VAL C 75 -7.23 4.10 26.37
CA VAL C 75 -5.80 4.32 26.21
C VAL C 75 -5.04 4.08 27.52
N GLU C 76 -5.66 4.49 28.62
CA GLU C 76 -5.04 4.37 29.94
C GLU C 76 -4.92 2.90 30.33
N GLU C 77 -6.02 2.17 30.14
CA GLU C 77 -6.03 0.72 30.32
C GLU C 77 -4.92 0.07 29.49
N ALA C 78 -4.78 0.52 28.24
CA ALA C 78 -3.74 0.04 27.35
C ALA C 78 -2.34 0.25 27.93
N TYR C 79 -2.07 1.46 28.42
CA TYR C 79 -0.77 1.79 28.99
C TYR C 79 -0.50 0.96 30.25
N LYS C 80 -1.55 0.74 31.02
CA LYS C 80 -1.47 -0.02 32.26
C LYS C 80 -1.15 -1.48 31.96
N LEU C 81 -1.81 -2.04 30.96
CA LEU C 81 -1.49 -3.38 30.49
C LEU C 81 -0.09 -3.43 29.90
N ALA C 82 0.38 -2.31 29.37
CA ALA C 82 1.71 -2.24 28.77
C ALA C 82 2.79 -2.26 29.84
N LEU C 83 2.45 -1.80 31.04
CA LEU C 83 3.42 -1.83 32.13
C LEU C 83 3.30 -3.14 32.91
N LYS C 84 2.07 -3.53 33.20
CA LYS C 84 1.72 -4.83 33.77
C LYS C 84 2.53 -5.99 33.19
N LEU C 85 2.56 -6.09 31.87
CA LEU C 85 3.28 -7.16 31.20
C LEU C 85 4.72 -6.76 30.92
N GLY C 86 5.06 -5.52 31.27
CA GLY C 86 6.41 -5.02 31.16
C GLY C 86 6.97 -4.98 29.74
N ILE C 87 6.21 -4.40 28.82
CA ILE C 87 6.64 -4.33 27.43
C ILE C 87 6.56 -2.90 26.90
N SER C 88 7.01 -2.72 25.66
CA SER C 88 6.95 -1.41 25.01
C SER C 88 5.62 -1.19 24.32
N VAL C 89 5.43 0.00 23.75
CA VAL C 89 4.18 0.33 23.08
C VAL C 89 4.05 -0.37 21.73
N GLU C 90 5.17 -0.56 21.03
CA GLU C 90 5.15 -1.24 19.73
C GLU C 90 4.74 -2.70 19.88
N GLU C 91 5.41 -3.42 20.77
CA GLU C 91 5.06 -4.81 21.06
C GLU C 91 3.59 -4.94 21.47
N LEU C 92 3.09 -3.95 22.19
CA LEU C 92 1.71 -3.97 22.65
C LEU C 92 0.74 -3.77 21.49
N LEU C 93 1.10 -2.86 20.57
CA LEU C 93 0.29 -2.61 19.39
C LEU C 93 0.22 -3.85 18.51
N LYS C 94 1.39 -4.42 18.22
CA LYS C 94 1.49 -5.69 17.50
C LYS C 94 0.66 -6.79 18.16
N LEU C 95 0.68 -6.82 19.49
CA LEU C 95 -0.06 -7.84 20.23
C LEU C 95 -1.56 -7.60 20.14
N ALA C 96 -1.95 -6.32 20.01
CA ALA C 96 -3.36 -5.96 19.93
C ALA C 96 -3.90 -6.29 18.54
N LYS C 97 -3.06 -6.08 17.53
CA LYS C 97 -3.39 -6.47 16.16
C LYS C 97 -3.53 -7.98 16.05
N ALA C 98 -2.50 -8.69 16.48
CA ALA C 98 -2.52 -10.16 16.54
C ALA C 98 -3.75 -10.69 17.26
N ALA C 99 -4.07 -10.10 18.40
CA ALA C 99 -5.22 -10.52 19.19
C ALA C 99 -6.51 -10.21 18.45
N TYR C 100 -6.49 -9.14 17.65
CA TYR C 100 -7.65 -8.74 16.87
C TYR C 100 -7.90 -9.77 15.77
N TYR C 101 -6.82 -10.22 15.15
CA TYR C 101 -6.87 -11.29 14.16
C TYR C 101 -7.39 -12.59 14.77
N SER C 102 -6.76 -13.04 15.84
CA SER C 102 -7.07 -14.34 16.44
C SER C 102 -8.42 -14.34 17.15
N GLY C 103 -8.89 -13.16 17.52
CA GLY C 103 -10.20 -13.01 18.14
C GLY C 103 -10.19 -13.20 19.64
N THR C 104 -9.11 -12.77 20.29
CA THR C 104 -8.97 -12.90 21.74
C THR C 104 -8.56 -11.57 22.36
N THR C 105 -8.35 -11.56 23.68
CA THR C 105 -7.85 -10.36 24.34
C THR C 105 -6.33 -10.30 24.24
N VAL C 106 -5.75 -9.17 24.64
CA VAL C 106 -4.31 -8.98 24.56
C VAL C 106 -3.56 -9.84 25.57
N GLU C 107 -4.20 -10.08 26.71
CA GLU C 107 -3.56 -10.83 27.79
C GLU C 107 -3.44 -12.29 27.43
N GLU C 108 -4.55 -12.86 26.94
CA GLU C 108 -4.56 -14.23 26.43
C GLU C 108 -3.51 -14.40 25.34
N ALA C 109 -3.33 -13.37 24.53
CA ALA C 109 -2.36 -13.39 23.45
C ALA C 109 -0.91 -13.36 23.97
N TYR C 110 -0.69 -12.63 25.05
CA TYR C 110 0.65 -12.58 25.66
C TYR C 110 0.97 -13.94 26.28
N LYS C 111 0.00 -14.48 27.00
CA LYS C 111 0.16 -15.79 27.64
C LYS C 111 0.41 -16.86 26.60
N LEU C 112 -0.27 -16.77 25.47
CA LEU C 112 -0.04 -17.67 24.36
C LEU C 112 1.34 -17.45 23.74
N ALA C 113 1.81 -16.20 23.79
CA ALA C 113 3.14 -15.88 23.28
C ALA C 113 4.23 -16.49 24.15
N LEU C 114 3.94 -16.66 25.44
CA LEU C 114 4.91 -17.24 26.36
C LEU C 114 4.82 -18.76 26.43
N LYS C 115 3.60 -19.29 26.37
CA LYS C 115 3.37 -20.74 26.44
C LYS C 115 4.17 -21.51 25.40
N LEU C 116 4.34 -20.92 24.23
CA LEU C 116 5.10 -21.55 23.15
C LEU C 116 6.55 -21.09 23.17
N GLY C 117 6.84 -20.13 24.04
CA GLY C 117 8.19 -19.64 24.21
C GLY C 117 8.66 -18.82 23.02
N VAL D 27 12.55 -18.36 -11.67
CA VAL D 27 11.14 -18.46 -11.33
C VAL D 27 10.46 -17.10 -11.39
N GLU D 28 11.26 -16.05 -11.26
CA GLU D 28 10.76 -14.68 -11.29
C GLU D 28 10.29 -14.28 -12.69
N GLU D 29 11.18 -14.43 -13.67
CA GLU D 29 10.86 -14.15 -15.07
C GLU D 29 9.60 -14.86 -15.53
N LEU D 30 9.36 -16.07 -15.03
CA LEU D 30 8.16 -16.82 -15.37
C LEU D 30 6.93 -16.13 -14.80
N LEU D 31 7.10 -15.53 -13.62
CA LEU D 31 6.00 -14.85 -12.92
C LEU D 31 5.67 -13.56 -13.65
N LYS D 32 6.70 -12.81 -14.05
CA LYS D 32 6.52 -11.64 -14.88
C LYS D 32 5.72 -11.98 -16.14
N LEU D 33 6.07 -13.10 -16.77
CA LEU D 33 5.38 -13.57 -17.97
C LEU D 33 3.94 -13.95 -17.68
N ALA D 34 3.68 -14.43 -16.46
CA ALA D 34 2.34 -14.86 -16.11
C ALA D 34 1.45 -13.66 -15.81
N LYS D 35 2.05 -12.63 -15.20
CA LYS D 35 1.37 -11.36 -14.97
C LYS D 35 1.05 -10.68 -16.29
N ALA D 36 2.04 -10.60 -17.17
CA ALA D 36 1.86 -10.03 -18.50
C ALA D 36 0.77 -10.80 -19.26
N ALA D 37 0.73 -12.11 -19.06
CA ALA D 37 -0.26 -12.94 -19.74
C ALA D 37 -1.65 -12.68 -19.16
N TYR D 38 -1.70 -12.36 -17.87
CA TYR D 38 -2.95 -11.99 -17.23
C TYR D 38 -3.47 -10.69 -17.83
N TYR D 39 -2.61 -9.67 -17.83
CA TYR D 39 -2.93 -8.36 -18.38
C TYR D 39 -3.40 -8.43 -19.84
N SER D 40 -2.64 -9.13 -20.67
CA SER D 40 -2.94 -9.17 -22.10
C SER D 40 -4.01 -10.21 -22.44
N GLY D 41 -4.45 -10.96 -21.43
CA GLY D 41 -5.52 -11.92 -21.60
C GLY D 41 -5.12 -13.16 -22.38
N THR D 42 -3.82 -13.32 -22.62
CA THR D 42 -3.31 -14.48 -23.34
C THR D 42 -2.71 -15.49 -22.37
N THR D 43 -1.91 -16.41 -22.89
CA THR D 43 -1.22 -17.38 -22.05
C THR D 43 0.25 -16.97 -21.88
N VAL D 44 1.01 -17.76 -21.14
CA VAL D 44 2.37 -17.37 -20.78
C VAL D 44 3.33 -17.65 -21.94
N GLU D 45 3.02 -18.69 -22.71
CA GLU D 45 3.85 -19.06 -23.84
C GLU D 45 3.71 -18.03 -24.94
N GLU D 46 2.47 -17.60 -25.19
CA GLU D 46 2.20 -16.52 -26.14
C GLU D 46 2.93 -15.25 -25.75
N ALA D 47 2.90 -14.91 -24.46
CA ALA D 47 3.62 -13.76 -23.94
C ALA D 47 5.12 -13.88 -24.16
N TYR D 48 5.64 -15.09 -23.97
CA TYR D 48 7.07 -15.35 -24.15
C TYR D 48 7.48 -15.19 -25.61
N LYS D 49 6.66 -15.74 -26.50
CA LYS D 49 6.92 -15.66 -27.93
C LYS D 49 6.78 -14.24 -28.43
N LEU D 50 5.87 -13.48 -27.82
CA LEU D 50 5.71 -12.07 -28.14
C LEU D 50 6.92 -11.28 -27.67
N ALA D 51 7.50 -11.72 -26.56
CA ALA D 51 8.69 -11.07 -26.01
C ALA D 51 9.91 -11.38 -26.87
N LEU D 52 9.89 -12.53 -27.52
CA LEU D 52 10.95 -12.89 -28.46
C LEU D 52 10.82 -12.12 -29.78
N LYS D 53 9.64 -12.22 -30.38
CA LYS D 53 9.29 -11.48 -31.60
C LYS D 53 9.71 -10.01 -31.58
N LEU D 54 9.44 -9.33 -30.46
CA LEU D 54 9.73 -7.92 -30.34
C LEU D 54 11.13 -7.68 -29.77
N GLY D 55 11.85 -8.76 -29.50
CA GLY D 55 13.19 -8.70 -28.97
C GLY D 55 13.34 -7.85 -27.71
N ILE D 56 12.44 -8.06 -26.76
CA ILE D 56 12.47 -7.29 -25.51
C ILE D 56 12.55 -8.20 -24.30
N SER D 57 12.82 -7.61 -23.13
CA SER D 57 12.90 -8.37 -21.88
C SER D 57 11.51 -8.52 -21.24
N VAL D 58 11.41 -9.41 -20.27
CA VAL D 58 10.13 -9.70 -19.63
C VAL D 58 9.63 -8.52 -18.81
N GLU D 59 10.57 -7.71 -18.32
CA GLU D 59 10.21 -6.50 -17.60
C GLU D 59 9.54 -5.50 -18.53
N GLU D 60 10.18 -5.26 -19.67
CA GLU D 60 9.62 -4.40 -20.69
C GLU D 60 8.28 -4.95 -21.19
N LEU D 61 8.19 -6.26 -21.31
CA LEU D 61 6.96 -6.92 -21.73
C LEU D 61 5.83 -6.68 -20.72
N LEU D 62 6.17 -6.75 -19.44
CA LEU D 62 5.18 -6.57 -18.38
C LEU D 62 4.72 -5.13 -18.32
N LYS D 63 5.67 -4.21 -18.39
CA LYS D 63 5.38 -2.78 -18.51
C LYS D 63 4.44 -2.50 -19.67
N LEU D 64 4.78 -3.03 -20.85
CA LEU D 64 3.96 -2.86 -22.04
C LEU D 64 2.59 -3.52 -21.91
N ALA D 65 2.51 -4.55 -21.06
CA ALA D 65 1.26 -5.25 -20.81
C ALA D 65 0.34 -4.36 -19.99
N GLU D 66 0.86 -3.90 -18.85
CA GLU D 66 0.16 -2.95 -18.00
C GLU D 66 -0.31 -1.74 -18.79
N ALA D 67 0.62 -1.12 -19.51
CA ALA D 67 0.32 -0.01 -20.41
C ALA D 67 -0.84 -0.34 -21.35
N ALA D 68 -0.74 -1.49 -22.02
CA ALA D 68 -1.76 -1.93 -22.96
C ALA D 68 -3.12 -2.11 -22.30
N TYR D 69 -3.10 -2.46 -21.02
CA TYR D 69 -4.34 -2.66 -20.28
C TYR D 69 -4.96 -1.32 -19.91
N TYR D 70 -4.12 -0.41 -19.40
CA TYR D 70 -4.55 0.93 -19.02
C TYR D 70 -5.04 1.72 -20.23
N SER D 71 -4.54 1.38 -21.41
CA SER D 71 -4.93 2.09 -22.62
C SER D 71 -6.08 1.36 -23.31
N GLY D 72 -6.19 0.06 -23.08
CA GLY D 72 -7.26 -0.75 -23.61
C GLY D 72 -6.95 -1.31 -25.00
N THR D 73 -5.66 -1.47 -25.28
CA THR D 73 -5.21 -2.03 -26.54
C THR D 73 -4.37 -3.28 -26.32
N THR D 74 -3.81 -3.82 -27.39
CA THR D 74 -2.94 -4.98 -27.29
C THR D 74 -1.53 -4.53 -26.93
N VAL D 75 -0.65 -5.50 -26.68
CA VAL D 75 0.73 -5.23 -26.30
C VAL D 75 1.53 -4.70 -27.49
N GLU D 76 1.22 -5.24 -28.67
CA GLU D 76 1.94 -4.87 -29.89
C GLU D 76 1.64 -3.42 -30.27
N GLU D 77 0.37 -3.04 -30.23
CA GLU D 77 -0.03 -1.65 -30.43
C GLU D 77 0.71 -0.71 -29.48
N ALA D 78 0.80 -1.09 -28.21
CA ALA D 78 1.52 -0.32 -27.21
C ALA D 78 2.99 -0.15 -27.58
N TYR D 79 3.64 -1.25 -27.96
CA TYR D 79 5.05 -1.22 -28.30
C TYR D 79 5.31 -0.37 -29.55
N LYS D 80 4.38 -0.42 -30.50
CA LYS D 80 4.49 0.35 -31.73
C LYS D 80 4.33 1.83 -31.41
N LEU D 81 3.38 2.14 -30.53
CA LEU D 81 3.18 3.50 -30.05
C LEU D 81 4.39 4.02 -29.28
N ALA D 82 5.16 3.10 -28.68
CA ALA D 82 6.34 3.47 -27.92
C ALA D 82 7.48 3.92 -28.83
N LEU D 83 7.47 3.42 -30.07
CA LEU D 83 8.48 3.78 -31.05
C LEU D 83 8.05 4.99 -31.85
N LYS D 84 6.77 4.97 -32.27
CA LYS D 84 6.10 6.11 -32.87
C LYS D 84 6.47 7.44 -32.20
N LEU D 85 6.35 7.48 -30.88
CA LEU D 85 6.66 8.69 -30.12
C LEU D 85 8.13 8.72 -29.69
N GLY D 86 8.85 7.65 -30.00
CA GLY D 86 10.28 7.58 -29.74
C GLY D 86 10.65 7.69 -28.28
N ILE D 87 10.00 6.89 -27.44
CA ILE D 87 10.25 6.92 -26.00
C ILE D 87 10.52 5.53 -25.45
N SER D 88 10.83 5.47 -24.16
CA SER D 88 11.08 4.20 -23.48
C SER D 88 9.78 3.57 -23.00
N VAL D 89 9.88 2.38 -22.42
CA VAL D 89 8.71 1.67 -21.93
C VAL D 89 8.17 2.33 -20.65
N GLU D 90 9.08 2.89 -19.85
CA GLU D 90 8.72 3.56 -18.62
C GLU D 90 7.89 4.81 -18.90
N GLU D 91 8.41 5.67 -19.78
CA GLU D 91 7.70 6.87 -20.20
C GLU D 91 6.32 6.55 -20.79
N LEU D 92 6.24 5.44 -21.53
CA LEU D 92 4.98 5.03 -22.15
C LEU D 92 4.00 4.57 -21.09
N LEU D 93 4.50 3.86 -20.08
CA LEU D 93 3.66 3.40 -18.99
C LEU D 93 3.11 4.59 -18.21
N LYS D 94 3.99 5.51 -17.83
CA LYS D 94 3.58 6.76 -17.18
C LYS D 94 2.55 7.52 -18.01
N LEU D 95 2.71 7.49 -19.33
CA LEU D 95 1.79 8.18 -20.23
C LEU D 95 0.44 7.47 -20.26
N ALA D 96 0.47 6.16 -20.07
CA ALA D 96 -0.74 5.35 -20.08
C ALA D 96 -1.52 5.56 -18.79
N LYS D 97 -0.78 5.69 -17.69
CA LYS D 97 -1.36 6.01 -16.39
C LYS D 97 -1.99 7.40 -16.42
N ALA D 98 -1.21 8.39 -16.83
CA ALA D 98 -1.70 9.75 -17.02
C ALA D 98 -2.96 9.77 -17.87
N ALA D 99 -2.95 9.01 -18.96
CA ALA D 99 -4.09 8.95 -19.86
C ALA D 99 -5.28 8.28 -19.17
N TYR D 100 -4.99 7.35 -18.27
CA TYR D 100 -6.04 6.64 -17.55
C TYR D 100 -6.73 7.59 -16.58
N TYR D 101 -5.93 8.40 -15.90
CA TYR D 101 -6.44 9.45 -15.01
C TYR D 101 -7.27 10.50 -15.76
N SER D 102 -6.65 11.12 -16.78
CA SER D 102 -7.26 12.24 -17.47
C SER D 102 -8.41 11.84 -18.40
N GLY D 103 -8.43 10.58 -18.82
CA GLY D 103 -9.51 10.07 -19.64
C GLY D 103 -9.28 10.30 -21.13
N THR D 104 -8.03 10.20 -21.56
CA THR D 104 -7.68 10.40 -22.96
C THR D 104 -6.81 9.25 -23.47
N THR D 105 -6.39 9.33 -24.72
CA THR D 105 -5.49 8.34 -25.28
C THR D 105 -4.05 8.69 -24.91
N VAL D 106 -3.12 7.77 -25.18
CA VAL D 106 -1.72 7.99 -24.87
C VAL D 106 -1.13 9.05 -25.78
N GLU D 107 -1.65 9.11 -27.01
CA GLU D 107 -1.15 10.04 -28.00
C GLU D 107 -1.58 11.47 -27.67
N GLU D 108 -2.86 11.65 -27.39
CA GLU D 108 -3.39 12.93 -26.93
C GLU D 108 -2.66 13.43 -25.68
N ALA D 109 -2.31 12.49 -24.81
CA ALA D 109 -1.59 12.81 -23.58
C ALA D 109 -0.17 13.24 -23.90
N TYR D 110 0.41 12.63 -24.93
CA TYR D 110 1.75 13.00 -25.39
C TYR D 110 1.73 14.42 -25.95
N LYS D 111 0.72 14.70 -26.77
CA LYS D 111 0.55 16.01 -27.38
C LYS D 111 0.36 17.06 -26.28
N LEU D 112 -0.38 16.71 -25.24
CA LEU D 112 -0.53 17.60 -24.09
C LEU D 112 0.78 17.76 -23.33
N ALA D 113 1.60 16.71 -23.34
CA ALA D 113 2.90 16.74 -22.70
C ALA D 113 3.84 17.68 -23.43
N LEU D 114 3.62 17.84 -24.73
CA LEU D 114 4.46 18.70 -25.53
C LEU D 114 3.95 20.15 -25.53
N LYS D 115 2.64 20.30 -25.58
CA LYS D 115 2.00 21.61 -25.58
C LYS D 115 2.40 22.46 -24.37
N LEU D 116 2.59 21.81 -23.23
CA LEU D 116 2.96 22.51 -22.00
C LEU D 116 4.47 22.50 -21.78
N GLY D 117 5.19 21.78 -22.64
CA GLY D 117 6.63 21.74 -22.59
C GLY D 117 7.13 20.96 -21.37
#